data_2Y9Q
#
_entry.id   2Y9Q
#
_cell.length_a   65.360
_cell.length_b   65.880
_cell.length_c   95.050
_cell.angle_alpha   90.00
_cell.angle_beta   90.00
_cell.angle_gamma   90.00
#
_symmetry.space_group_name_H-M   'P 21 21 21'
#
loop_
_entity.id
_entity.type
_entity.pdbx_description
1 polymer 'MITOGEN-ACTIVATED PROTEIN KINASE 1'
2 polymer 'MAP KINASE-INTERACTING SERINE/THREONINE-PROTEIN KINASE 1'
3 non-polymer 'PHOSPHOAMINOPHOSPHONIC ACID-ADENYLATE ESTER'
4 water water
#
loop_
_entity_poly.entity_id
_entity_poly.type
_entity_poly.pdbx_seq_one_letter_code
_entity_poly.pdbx_strand_id
1 'polypeptide(L)'
;GSMAAAAAAGAGPEMVRGQVFDVGPRYTNLSYIGEGAYGMVCSAYDNVNKVRVAIKKISPFEHQTYCQRTLREIKILLRF
RHENIIGINDIIRAPTIEQMKDVYIVQDLMETDLYKLLKTQHLSNDHICYFLYQILRGLKYIHSANVLHRDLKPSNLLLN
TTCDLKICDFGLARVADPDHDHTGFLTEYVATRWYRAPEIMLNSKGYTKSIDIWSVGCILAEMLSNRPIFPGKHYLDQLN
HILGILGSPSQEDLNCIINLKARNYLLSLPHKNKVPWNRLFPNADSKALDLLDKMLTFNPHKRIEVEQALAHPYLEQYYD
PSDEPIAEAPFKFDMELDDLPKEKLKELIFEETARFQPGYRS
;
A
2 'polypeptide(L)' MKLSPPSKSRLARRRALA B
#
# COMPACT_ATOMS: atom_id res chain seq x y z
N ALA A 11 23.48 16.53 -24.88
CA ALA A 11 24.17 15.27 -24.62
C ALA A 11 24.48 15.13 -23.12
N GLY A 12 24.29 13.92 -22.58
CA GLY A 12 24.68 13.63 -21.22
C GLY A 12 23.55 13.06 -20.39
N PRO A 13 23.79 12.92 -19.07
CA PRO A 13 22.74 12.44 -18.17
C PRO A 13 21.43 13.16 -18.45
N GLU A 14 20.34 12.40 -18.56
CA GLU A 14 19.05 12.95 -18.89
C GLU A 14 18.43 13.61 -17.68
N MET A 15 17.73 14.71 -17.92
CA MET A 15 17.00 15.37 -16.86
C MET A 15 15.52 15.27 -17.15
N VAL A 16 14.75 15.00 -16.10
CA VAL A 16 13.30 14.92 -16.19
C VAL A 16 12.65 15.87 -15.20
N ARG A 17 11.71 16.68 -15.69
CA ARG A 17 11.00 17.63 -14.84
C ARG A 17 11.99 18.33 -13.93
N GLY A 18 13.10 18.76 -14.51
CA GLY A 18 14.04 19.58 -13.78
C GLY A 18 15.20 18.86 -13.13
N GLN A 19 15.01 17.58 -12.78
CA GLN A 19 16.07 16.88 -12.09
C GLN A 19 16.71 15.69 -12.80
N VAL A 20 18.01 15.61 -12.60
CA VAL A 20 18.84 14.59 -13.21
C VAL A 20 18.46 13.21 -12.74
N PHE A 21 18.44 12.29 -13.68
CA PHE A 21 18.25 10.89 -13.40
C PHE A 21 19.47 10.21 -13.89
N ASP A 22 20.42 10.02 -12.98
CA ASP A 22 21.74 9.51 -13.34
C ASP A 22 21.74 7.99 -13.41
N VAL A 23 21.12 7.47 -14.44
CA VAL A 23 20.88 6.03 -14.56
C VAL A 23 21.47 5.44 -15.84
N GLY A 24 22.16 6.25 -16.63
CA GLY A 24 22.78 5.78 -17.85
C GLY A 24 24.17 5.27 -17.58
N PRO A 25 24.77 4.58 -18.55
CA PRO A 25 24.24 4.32 -19.90
C PRO A 25 23.26 3.15 -20.00
N ARG A 26 23.06 2.38 -18.92
CA ARG A 26 22.19 1.22 -19.05
C ARG A 26 20.74 1.62 -19.34
N TYR A 27 20.24 2.61 -18.63
CA TYR A 27 18.85 3.03 -18.76
C TYR A 27 18.80 4.40 -19.41
N THR A 28 18.07 4.51 -20.51
CA THR A 28 18.03 5.73 -21.32
C THR A 28 16.62 6.04 -21.79
N ASN A 29 16.46 7.16 -22.47
CA ASN A 29 15.15 7.56 -23.01
C ASN A 29 14.07 7.60 -21.95
N LEU A 30 14.30 8.44 -20.95
CA LEU A 30 13.42 8.56 -19.82
C LEU A 30 12.16 9.35 -20.14
N SER A 31 11.08 8.95 -19.48
CA SER A 31 9.80 9.65 -19.59
C SER A 31 9.14 9.72 -18.24
N TYR A 32 8.66 10.90 -17.85
CA TYR A 32 8.02 11.08 -16.56
C TYR A 32 6.73 10.27 -16.46
N ILE A 33 6.58 9.58 -15.33
CA ILE A 33 5.30 8.97 -14.99
C ILE A 33 4.57 9.81 -13.93
N GLY A 34 5.24 10.05 -12.81
CA GLY A 34 4.59 10.76 -11.74
C GLY A 34 5.50 10.86 -10.54
N GLU A 35 4.97 11.42 -9.46
CA GLU A 35 5.70 11.60 -8.22
C GLU A 35 4.83 11.23 -7.02
N GLY A 36 5.44 10.64 -6.01
CA GLY A 36 4.83 10.56 -4.71
C GLY A 36 5.33 11.70 -3.84
N ALA A 37 5.18 11.56 -2.53
CA ALA A 37 5.68 12.54 -1.59
C ALA A 37 7.18 12.47 -1.44
N TYR A 38 7.78 11.36 -1.87
CA TYR A 38 9.24 11.14 -1.70
C TYR A 38 9.97 10.86 -2.99
N GLY A 39 9.32 10.15 -3.90
CA GLY A 39 10.00 9.70 -5.08
C GLY A 39 9.43 10.25 -6.37
N MET A 40 10.32 10.45 -7.34
CA MET A 40 9.93 10.76 -8.70
C MET A 40 10.14 9.52 -9.53
N VAL A 41 9.13 9.17 -10.30
CA VAL A 41 9.10 7.93 -11.03
C VAL A 41 9.03 8.22 -12.53
N CYS A 42 9.92 7.56 -13.26
CA CYS A 42 9.98 7.65 -14.71
CA CYS A 42 9.93 7.65 -14.71
C CYS A 42 9.97 6.25 -15.30
N SER A 43 9.64 6.15 -16.57
CA SER A 43 9.91 4.94 -17.32
C SER A 43 11.25 5.16 -18.05
N ALA A 44 11.92 4.07 -18.38
CA ALA A 44 13.23 4.13 -19.03
C ALA A 44 13.39 2.90 -19.88
N TYR A 45 14.18 2.99 -20.94
CA TYR A 45 14.54 1.84 -21.72
C TYR A 45 15.78 1.20 -21.14
N ASP A 46 15.67 -0.08 -20.82
CA ASP A 46 16.81 -0.89 -20.38
C ASP A 46 17.55 -1.43 -21.60
N ASN A 47 18.77 -0.97 -21.82
CA ASN A 47 19.54 -1.38 -22.98
C ASN A 47 20.10 -2.78 -22.86
N VAL A 48 20.04 -3.35 -21.67
CA VAL A 48 20.42 -4.76 -21.51
C VAL A 48 19.26 -5.67 -21.90
N ASN A 49 18.12 -5.54 -21.23
CA ASN A 49 17.03 -6.46 -21.49
C ASN A 49 16.05 -6.02 -22.56
N LYS A 50 16.24 -4.82 -23.09
CA LYS A 50 15.53 -4.31 -24.28
C LYS A 50 14.04 -4.19 -24.01
N VAL A 51 13.71 -3.65 -22.85
CA VAL A 51 12.33 -3.43 -22.47
C VAL A 51 12.30 -2.16 -21.63
N ARG A 52 11.12 -1.53 -21.54
CA ARG A 52 10.97 -0.37 -20.68
C ARG A 52 10.65 -0.80 -19.27
N VAL A 53 11.25 -0.08 -18.32
CA VAL A 53 11.15 -0.35 -16.90
C VAL A 53 10.73 0.91 -16.15
N ALA A 54 10.35 0.77 -14.89
CA ALA A 54 10.09 1.91 -14.01
C ALA A 54 11.29 2.19 -13.11
N ILE A 55 11.59 3.47 -12.89
CA ILE A 55 12.67 3.86 -11.99
C ILE A 55 12.19 4.95 -11.05
N LYS A 56 12.29 4.69 -9.74
CA LYS A 56 11.95 5.68 -8.74
C LYS A 56 13.20 6.27 -8.11
N LYS A 57 13.36 7.59 -8.24
CA LYS A 57 14.46 8.29 -7.61
C LYS A 57 14.00 8.83 -6.28
N ILE A 58 14.74 8.49 -5.22
CA ILE A 58 14.58 9.12 -3.93
C ILE A 58 15.90 9.75 -3.48
N SER A 59 15.79 10.79 -2.67
CA SER A 59 16.93 11.54 -2.17
C SER A 59 16.75 11.73 -0.67
N PRO A 60 17.04 10.67 0.10
CA PRO A 60 16.56 10.62 1.49
C PRO A 60 17.52 11.08 2.57
N PHE A 61 18.78 11.30 2.25
CA PHE A 61 19.81 11.21 3.29
C PHE A 61 19.88 12.37 4.28
N GLU A 62 19.16 13.45 4.03
CA GLU A 62 19.15 14.57 4.95
C GLU A 62 18.03 14.45 5.99
N HIS A 63 17.25 13.38 5.89
CA HIS A 63 16.10 13.20 6.79
C HIS A 63 16.06 11.79 7.34
N GLN A 64 16.11 11.64 8.67
CA GLN A 64 16.09 10.31 9.28
C GLN A 64 14.87 9.51 8.84
N THR A 65 13.70 10.13 8.80
CA THR A 65 12.51 9.38 8.42
C THR A 65 12.51 8.95 6.96
N TYR A 66 13.10 9.74 6.07
CA TYR A 66 13.15 9.35 4.67
C TYR A 66 14.14 8.19 4.53
N CYS A 67 15.21 8.22 5.31
CA CYS A 67 16.14 7.09 5.32
C CYS A 67 15.43 5.82 5.76
N GLN A 68 14.64 5.90 6.83
CA GLN A 68 13.83 4.76 7.26
C GLN A 68 12.96 4.23 6.12
N ARG A 69 12.25 5.13 5.42
CA ARG A 69 11.38 4.69 4.33
C ARG A 69 12.16 3.93 3.28
N THR A 70 13.33 4.46 2.90
CA THR A 70 14.11 3.90 1.83
C THR A 70 14.64 2.54 2.22
N LEU A 71 15.17 2.44 3.43
CA LEU A 71 15.71 1.17 3.90
C LEU A 71 14.61 0.11 4.00
N ARG A 72 13.48 0.47 4.59
CA ARG A 72 12.39 -0.49 4.77
C ARG A 72 11.89 -1.00 3.43
N GLU A 73 11.66 -0.09 2.49
CA GLU A 73 11.12 -0.50 1.21
C GLU A 73 12.09 -1.41 0.48
N ILE A 74 13.36 -1.06 0.49
CA ILE A 74 14.36 -1.86 -0.23
C ILE A 74 14.51 -3.24 0.43
N LYS A 75 14.66 -3.28 1.74
CA LYS A 75 14.92 -4.55 2.40
C LYS A 75 13.72 -5.47 2.26
N ILE A 76 12.52 -4.92 2.40
CA ILE A 76 11.33 -5.75 2.33
C ILE A 76 11.06 -6.25 0.90
N LEU A 77 11.11 -5.35 -0.06
CA LEU A 77 10.81 -5.73 -1.44
C LEU A 77 11.86 -6.67 -2.04
N LEU A 78 13.11 -6.57 -1.59
CA LEU A 78 14.13 -7.51 -2.05
C LEU A 78 13.91 -8.92 -1.50
N ARG A 79 13.30 -9.01 -0.33
CA ARG A 79 13.06 -10.30 0.31
C ARG A 79 11.76 -10.92 -0.20
N PHE A 80 10.74 -10.10 -0.42
CA PHE A 80 9.45 -10.62 -0.80
C PHE A 80 9.44 -11.09 -2.25
N ARG A 81 8.67 -12.14 -2.52
CA ARG A 81 8.48 -12.65 -3.88
CA ARG A 81 8.47 -12.60 -3.88
C ARG A 81 7.04 -13.11 -4.01
N HIS A 82 6.22 -12.30 -4.69
CA HIS A 82 4.82 -12.62 -4.84
C HIS A 82 4.26 -11.89 -6.08
N GLU A 83 3.37 -12.59 -6.78
CA GLU A 83 2.76 -12.17 -8.04
C GLU A 83 2.04 -10.83 -7.93
N ASN A 84 1.47 -10.58 -6.76
CA ASN A 84 0.74 -9.32 -6.53
C ASN A 84 1.48 -8.28 -5.68
N ILE A 85 2.81 -8.38 -5.65
CA ILE A 85 3.67 -7.42 -4.97
C ILE A 85 4.79 -7.02 -5.94
N ILE A 86 5.03 -5.72 -6.10
CA ILE A 86 6.07 -5.26 -7.02
C ILE A 86 7.45 -5.74 -6.53
N GLY A 87 8.30 -6.12 -7.47
CA GLY A 87 9.65 -6.53 -7.13
C GLY A 87 10.63 -5.40 -7.37
N ILE A 88 11.86 -5.59 -6.91
CA ILE A 88 12.96 -4.71 -7.30
C ILE A 88 13.94 -5.52 -8.14
N ASN A 89 14.21 -5.04 -9.34
CA ASN A 89 15.10 -5.73 -10.27
C ASN A 89 16.53 -5.21 -10.31
N ASP A 90 16.72 -3.94 -9.95
CA ASP A 90 18.02 -3.29 -9.97
C ASP A 90 17.96 -2.10 -9.02
N ILE A 91 19.11 -1.68 -8.53
CA ILE A 91 19.23 -0.45 -7.74
C ILE A 91 20.51 0.25 -8.15
N ILE A 92 20.37 1.54 -8.45
CA ILE A 92 21.51 2.37 -8.83
C ILE A 92 21.78 3.39 -7.73
N ARG A 93 23.03 3.47 -7.32
CA ARG A 93 23.52 4.53 -6.43
C ARG A 93 25.03 4.70 -6.60
N ALA A 94 25.57 5.73 -5.97
CA ALA A 94 26.99 6.09 -6.17
C ALA A 94 27.94 5.02 -5.67
N PRO A 95 29.16 5.02 -6.18
CA PRO A 95 30.12 3.97 -5.83
C PRO A 95 30.66 4.05 -4.41
N THR A 96 30.57 5.21 -3.76
CA THR A 96 31.00 5.35 -2.37
C THR A 96 29.90 6.00 -1.53
N ILE A 97 29.92 5.73 -0.24
CA ILE A 97 28.93 6.29 0.66
C ILE A 97 28.97 7.82 0.65
N GLU A 98 30.17 8.41 0.63
CA GLU A 98 30.31 9.87 0.56
C GLU A 98 29.62 10.48 -0.65
N GLN A 99 29.72 9.81 -1.79
CA GLN A 99 29.16 10.33 -3.02
C GLN A 99 27.64 10.09 -3.13
N MET A 100 27.12 9.16 -2.35
CA MET A 100 25.72 8.74 -2.49
C MET A 100 24.75 9.76 -1.91
N LYS A 101 23.99 10.43 -2.78
CA LYS A 101 22.92 11.36 -2.39
C LYS A 101 21.56 10.88 -2.85
N ASP A 102 21.54 10.05 -3.90
CA ASP A 102 20.29 9.57 -4.48
C ASP A 102 20.29 8.05 -4.55
N VAL A 103 19.09 7.48 -4.57
CA VAL A 103 18.94 6.06 -4.83
C VAL A 103 17.88 5.89 -5.91
N TYR A 104 18.14 5.00 -6.85
CA TYR A 104 17.20 4.73 -7.94
C TYR A 104 16.78 3.26 -7.89
N ILE A 105 15.50 3.04 -7.63
CA ILE A 105 14.93 1.71 -7.52
C ILE A 105 14.26 1.35 -8.84
N VAL A 106 14.76 0.29 -9.46
CA VAL A 106 14.27 -0.14 -10.77
C VAL A 106 13.32 -1.32 -10.61
N GLN A 107 12.16 -1.23 -11.25
CA GLN A 107 11.06 -2.18 -11.08
C GLN A 107 10.40 -2.46 -12.41
N ASP A 108 9.59 -3.52 -12.48
CA ASP A 108 8.75 -3.74 -13.64
C ASP A 108 7.87 -2.52 -13.84
N LEU A 109 7.71 -2.13 -15.09
CA LEU A 109 6.84 -0.99 -15.44
C LEU A 109 5.38 -1.40 -15.53
N MET A 110 4.58 -0.87 -14.62
CA MET A 110 3.14 -1.08 -14.66
C MET A 110 2.55 0.14 -15.35
N GLU A 111 1.35 -0.01 -15.91
CA GLU A 111 0.81 0.98 -16.80
C GLU A 111 0.11 2.13 -16.09
N THR A 112 -0.47 1.84 -14.93
CA THR A 112 -1.18 2.88 -14.17
C THR A 112 -1.32 2.48 -12.71
N ASP A 113 -2.03 3.29 -11.93
CA ASP A 113 -2.36 2.93 -10.56
C ASP A 113 -3.87 3.18 -10.35
N LEU A 114 -4.42 2.61 -9.29
CA LEU A 114 -5.85 2.68 -9.08
C LEU A 114 -6.35 4.12 -8.85
N TYR A 115 -5.55 4.94 -8.20
CA TYR A 115 -5.91 6.36 -8.03
C TYR A 115 -6.15 7.02 -9.39
N LYS A 116 -5.20 6.84 -10.32
CA LYS A 116 -5.32 7.44 -11.64
CA LYS A 116 -5.34 7.44 -11.64
C LYS A 116 -6.50 6.85 -12.41
N LEU A 117 -6.68 5.55 -12.31
CA LEU A 117 -7.74 4.90 -13.06
CA LEU A 117 -7.75 4.84 -13.03
C LEU A 117 -9.13 5.32 -12.57
N LEU A 118 -9.29 5.47 -11.26
CA LEU A 118 -10.61 5.83 -10.73
C LEU A 118 -11.01 7.24 -11.12
N LYS A 119 -10.06 8.08 -11.51
CA LYS A 119 -10.41 9.41 -11.99
C LYS A 119 -11.17 9.32 -13.32
N THR A 120 -10.85 8.29 -14.09
CA THR A 120 -11.20 8.21 -15.51
C THR A 120 -12.40 7.31 -15.74
N GLN A 121 -12.71 6.43 -14.79
CA GLN A 121 -13.75 5.45 -15.03
C GLN A 121 -14.32 4.75 -13.79
N HIS A 122 -15.55 4.29 -13.95
CA HIS A 122 -16.27 3.53 -12.94
C HIS A 122 -16.12 2.04 -13.27
N LEU A 123 -15.56 1.29 -12.33
CA LEU A 123 -15.32 -0.13 -12.53
C LEU A 123 -16.56 -1.00 -12.46
N SER A 124 -16.67 -1.95 -13.38
CA SER A 124 -17.67 -2.99 -13.31
C SER A 124 -17.46 -3.86 -12.07
N ASN A 125 -18.52 -4.55 -11.65
CA ASN A 125 -18.42 -5.43 -10.51
C ASN A 125 -17.37 -6.51 -10.76
N ASP A 126 -17.30 -7.01 -12.00
CA ASP A 126 -16.28 -8.02 -12.34
C ASP A 126 -14.87 -7.52 -12.10
N HIS A 127 -14.60 -6.26 -12.45
CA HIS A 127 -13.27 -5.70 -12.24
C HIS A 127 -13.00 -5.49 -10.74
N ILE A 128 -13.99 -4.98 -10.01
CA ILE A 128 -13.86 -4.75 -8.57
C ILE A 128 -13.50 -6.05 -7.87
N CYS A 129 -14.22 -7.10 -8.21
CA CYS A 129 -14.06 -8.39 -7.56
C CYS A 129 -12.65 -8.92 -7.75
N TYR A 130 -12.16 -8.87 -8.99
CA TYR A 130 -10.82 -9.41 -9.29
C TYR A 130 -9.71 -8.53 -8.70
N PHE A 131 -9.86 -7.21 -8.75
CA PHE A 131 -8.88 -6.36 -8.10
C PHE A 131 -8.86 -6.62 -6.58
N LEU A 132 -10.03 -6.73 -5.95
CA LEU A 132 -10.09 -6.99 -4.52
C LEU A 132 -9.44 -8.33 -4.17
N TYR A 133 -9.69 -9.35 -4.98
CA TYR A 133 -9.05 -10.63 -4.79
C TYR A 133 -7.52 -10.49 -4.76
N GLN A 134 -6.97 -9.79 -5.75
CA GLN A 134 -5.54 -9.64 -5.85
C GLN A 134 -4.95 -8.83 -4.70
N ILE A 135 -5.64 -7.78 -4.28
CA ILE A 135 -5.21 -7.00 -3.12
C ILE A 135 -5.08 -7.90 -1.90
N LEU A 136 -6.13 -8.69 -1.64
CA LEU A 136 -6.13 -9.57 -0.48
C LEU A 136 -5.13 -10.71 -0.61
N ARG A 137 -4.93 -11.22 -1.82
CA ARG A 137 -3.97 -12.30 -2.02
C ARG A 137 -2.57 -11.79 -1.72
N GLY A 138 -2.26 -10.60 -2.22
CA GLY A 138 -0.99 -10.00 -1.89
C GLY A 138 -0.88 -9.70 -0.40
N LEU A 139 -1.95 -9.18 0.20
CA LEU A 139 -1.90 -8.85 1.64
C LEU A 139 -1.70 -10.11 2.51
N LYS A 140 -2.30 -11.23 2.09
CA LYS A 140 -2.11 -12.50 2.79
C LYS A 140 -0.60 -12.81 2.90
N TYR A 141 0.14 -12.59 1.83
CA TYR A 141 1.57 -12.87 1.81
C TYR A 141 2.28 -11.90 2.75
N ILE A 142 1.95 -10.63 2.65
CA ILE A 142 2.56 -9.63 3.53
C ILE A 142 2.34 -10.00 5.00
N HIS A 143 1.08 -10.25 5.36
CA HIS A 143 0.73 -10.58 6.74
C HIS A 143 1.35 -11.87 7.21
N SER A 144 1.57 -12.81 6.27
CA SER A 144 2.18 -14.09 6.62
C SER A 144 3.65 -13.92 7.02
N ALA A 145 4.26 -12.84 6.55
CA ALA A 145 5.61 -12.46 6.95
C ALA A 145 5.63 -11.63 8.24
N ASN A 146 4.46 -11.50 8.87
CA ASN A 146 4.30 -10.71 10.08
C ASN A 146 4.62 -9.24 9.84
N VAL A 147 4.32 -8.76 8.63
CA VAL A 147 4.54 -7.37 8.24
C VAL A 147 3.17 -6.68 8.05
N LEU A 148 3.10 -5.43 8.51
CA LEU A 148 1.97 -4.54 8.23
C LEU A 148 2.42 -3.57 7.15
N HIS A 149 1.64 -3.38 6.09
CA HIS A 149 1.99 -2.39 5.06
C HIS A 149 1.84 -0.98 5.63
N ARG A 150 0.70 -0.75 6.27
CA ARG A 150 0.39 0.48 7.02
CA ARG A 150 0.39 0.48 7.02
C ARG A 150 0.03 1.69 6.16
N ASP A 151 0.15 1.57 4.84
CA ASP A 151 -0.18 2.71 3.98
C ASP A 151 -0.86 2.32 2.67
N LEU A 152 -1.73 1.32 2.70
CA LEU A 152 -2.42 0.93 1.50
C LEU A 152 -3.39 2.04 1.05
N LYS A 153 -3.44 2.27 -0.25
CA LYS A 153 -4.27 3.33 -0.82
C LYS A 153 -4.30 3.13 -2.32
N PRO A 154 -5.26 3.77 -3.00
CA PRO A 154 -5.36 3.51 -4.44
C PRO A 154 -4.06 3.84 -5.21
N SER A 155 -3.31 4.87 -4.83
CA SER A 155 -2.14 5.24 -5.59
C SER A 155 -1.01 4.22 -5.50
N ASN A 156 -1.03 3.31 -4.53
CA ASN A 156 0.01 2.27 -4.51
C ASN A 156 -0.47 0.86 -4.91
N LEU A 157 -1.60 0.82 -5.58
CA LEU A 157 -2.05 -0.38 -6.26
C LEU A 157 -1.82 -0.19 -7.77
N LEU A 158 -0.75 -0.80 -8.25
CA LEU A 158 -0.36 -0.68 -9.64
C LEU A 158 -1.14 -1.66 -10.49
N LEU A 159 -1.51 -1.24 -11.71
CA LEU A 159 -2.41 -1.99 -12.58
C LEU A 159 -1.91 -2.00 -14.01
N ASN A 160 -2.20 -3.07 -14.74
CA ASN A 160 -1.99 -3.14 -16.19
CA ASN A 160 -2.03 -3.01 -16.19
C ASN A 160 -3.31 -3.37 -16.91
N THR A 161 -3.28 -3.27 -18.24
CA THR A 161 -4.51 -3.42 -19.02
CA THR A 161 -4.48 -3.43 -19.08
C THR A 161 -5.03 -4.85 -18.96
N THR A 162 -4.15 -5.79 -18.62
CA THR A 162 -4.54 -7.18 -18.39
C THR A 162 -5.24 -7.43 -17.05
N CYS A 163 -5.36 -6.38 -16.25
CA CYS A 163 -6.02 -6.43 -14.94
C CYS A 163 -5.10 -6.97 -13.85
N ASP A 164 -3.85 -7.23 -14.18
CA ASP A 164 -2.88 -7.62 -13.16
C ASP A 164 -2.66 -6.45 -12.18
N LEU A 165 -2.65 -6.76 -10.89
CA LEU A 165 -2.51 -5.77 -9.82
C LEU A 165 -1.31 -6.13 -8.93
N LYS A 166 -0.48 -5.12 -8.64
CA LYS A 166 0.67 -5.27 -7.74
CA LYS A 166 0.65 -5.29 -7.73
C LYS A 166 0.71 -4.18 -6.70
N ILE A 167 0.85 -4.56 -5.43
CA ILE A 167 0.99 -3.61 -4.32
C ILE A 167 2.44 -3.08 -4.32
N CYS A 168 2.61 -1.78 -4.14
CA CYS A 168 3.93 -1.18 -4.07
C CYS A 168 4.01 -0.26 -2.85
N ASP A 169 5.11 0.48 -2.72
CA ASP A 169 5.21 1.59 -1.78
C ASP A 169 5.26 1.13 -0.32
N PHE A 170 6.31 0.39 0.00
CA PHE A 170 6.50 -0.23 1.32
C PHE A 170 7.33 0.57 2.33
N GLY A 171 7.51 1.87 2.09
CA GLY A 171 8.27 2.72 2.98
C GLY A 171 7.76 2.83 4.40
N LEU A 172 6.48 2.57 4.63
CA LEU A 172 5.94 2.62 5.99
C LEU A 172 5.72 1.25 6.61
N ALA A 173 6.08 0.18 5.90
CA ALA A 173 5.85 -1.18 6.36
C ALA A 173 6.71 -1.49 7.58
N ARG A 174 6.14 -2.23 8.51
CA ARG A 174 6.78 -2.53 9.80
C ARG A 174 6.42 -3.95 10.17
N VAL A 175 7.29 -4.58 10.94
CA VAL A 175 6.95 -5.85 11.56
C VAL A 175 5.90 -5.62 12.63
N ALA A 176 4.89 -6.47 12.64
CA ALA A 176 3.83 -6.35 13.62
C ALA A 176 4.44 -6.44 15.02
N ASP A 177 4.15 -5.44 15.83
CA ASP A 177 4.60 -5.41 17.21
C ASP A 177 3.66 -4.51 18.00
N PRO A 178 2.66 -5.12 18.66
CA PRO A 178 1.65 -4.37 19.40
C PRO A 178 2.18 -3.57 20.61
N ASP A 179 3.40 -3.86 21.05
CA ASP A 179 3.97 -3.10 22.17
C ASP A 179 4.88 -1.98 21.69
N HIS A 180 5.26 -2.03 20.42
CA HIS A 180 6.13 -1.01 19.87
C HIS A 180 5.43 0.34 19.89
N ASP A 181 6.09 1.33 20.48
CA ASP A 181 5.51 2.66 20.60
C ASP A 181 6.29 3.66 19.75
N HIS A 182 5.80 3.88 18.54
CA HIS A 182 6.46 4.79 17.61
C HIS A 182 5.61 6.04 17.35
N THR A 183 5.72 7.04 18.23
CA THR A 183 5.19 8.34 17.87
C THR A 183 6.05 8.79 16.72
N GLY A 184 5.53 9.71 15.94
CA GLY A 184 6.25 10.17 14.76
C GLY A 184 5.31 9.97 13.60
N PHE A 185 4.80 8.75 13.50
CA PHE A 185 3.87 8.39 12.46
C PHE A 185 2.68 9.34 12.43
N LEU A 186 2.22 9.82 13.57
CA LEU A 186 0.97 10.58 13.58
C LEU A 186 1.16 11.95 12.96
N THR A 187 2.37 12.49 13.09
CA THR A 187 2.61 13.89 12.72
C THR A 187 3.50 14.01 11.49
N GLU A 188 4.01 12.91 10.97
CA GLU A 188 4.83 12.92 9.76
C GLU A 188 3.98 13.17 8.51
N TYR A 189 4.49 13.95 7.55
CA TYR A 189 3.71 14.22 6.34
C TYR A 189 3.53 12.98 5.47
N VAL A 190 2.30 12.76 5.02
CA VAL A 190 2.00 11.83 3.93
C VAL A 190 0.98 12.49 3.01
N ALA A 191 0.86 11.98 1.79
CA ALA A 191 -0.01 12.60 0.79
C ALA A 191 -1.48 12.45 1.12
N THR A 192 -1.84 11.36 1.79
CA THR A 192 -3.22 11.15 2.21
C THR A 192 -3.30 10.28 3.43
N ARG A 193 -4.22 10.66 4.32
CA ARG A 193 -4.53 9.91 5.52
C ARG A 193 -5.90 9.24 5.47
N TRP A 194 -6.57 9.34 4.33
CA TRP A 194 -7.97 8.93 4.22
C TRP A 194 -8.21 7.43 4.33
N TYR A 195 -7.14 6.63 4.25
CA TYR A 195 -7.23 5.17 4.28
C TYR A 195 -6.78 4.60 5.63
N ARG A 196 -6.46 5.48 6.58
CA ARG A 196 -5.99 5.06 7.89
C ARG A 196 -7.11 4.64 8.84
N ALA A 197 -6.87 3.57 9.57
CA ALA A 197 -7.79 3.08 10.59
C ALA A 197 -7.89 4.10 11.72
N PRO A 198 -9.04 4.15 12.38
CA PRO A 198 -9.21 5.16 13.42
C PRO A 198 -8.16 5.06 14.53
N GLU A 199 -7.81 3.83 14.93
CA GLU A 199 -6.87 3.67 16.03
C GLU A 199 -5.50 4.24 15.64
N ILE A 200 -5.14 4.27 14.36
CA ILE A 200 -3.82 4.76 14.02
C ILE A 200 -3.79 6.25 13.70
N MET A 201 -4.96 6.90 13.77
CA MET A 201 -5.00 8.35 13.71
CA MET A 201 -5.07 8.35 13.74
C MET A 201 -4.90 8.94 15.12
N LEU A 202 -5.01 8.08 16.14
CA LEU A 202 -4.96 8.51 17.53
C LEU A 202 -3.87 7.85 18.39
N ASN A 203 -3.62 6.56 18.16
CA ASN A 203 -2.67 5.82 19.01
C ASN A 203 -1.30 5.76 18.36
N SER A 204 -0.26 5.74 19.18
CA SER A 204 1.11 5.58 18.70
C SER A 204 1.64 4.16 18.94
N LYS A 205 0.79 3.27 19.48
CA LYS A 205 1.18 1.87 19.62
C LYS A 205 0.00 0.94 19.56
N GLY A 206 0.27 -0.36 19.61
CA GLY A 206 -0.78 -1.37 19.57
C GLY A 206 -1.30 -1.70 18.18
N TYR A 207 -0.65 -1.20 17.12
CA TYR A 207 -1.13 -1.44 15.76
C TYR A 207 -1.10 -2.94 15.45
N THR A 208 -2.14 -3.43 14.78
CA THR A 208 -2.15 -4.83 14.35
C THR A 208 -2.43 -4.92 12.85
N LYS A 209 -2.38 -6.14 12.33
CA LYS A 209 -2.71 -6.40 10.93
C LYS A 209 -4.06 -5.82 10.53
N SER A 210 -4.98 -5.69 11.46
CA SER A 210 -6.30 -5.19 11.12
C SER A 210 -6.26 -3.76 10.58
N ILE A 211 -5.20 -3.01 10.81
CA ILE A 211 -5.16 -1.69 10.21
C ILE A 211 -5.15 -1.79 8.68
N ASP A 212 -4.52 -2.82 8.13
CA ASP A 212 -4.48 -2.98 6.69
C ASP A 212 -5.84 -3.42 6.13
N ILE A 213 -6.58 -4.21 6.90
CA ILE A 213 -7.90 -4.62 6.47
C ILE A 213 -8.81 -3.39 6.40
N TRP A 214 -8.69 -2.47 7.36
CA TRP A 214 -9.44 -1.23 7.28
C TRP A 214 -9.13 -0.51 5.98
N SER A 215 -7.84 -0.38 5.66
CA SER A 215 -7.49 0.34 4.44
C SER A 215 -8.09 -0.30 3.20
N VAL A 216 -8.05 -1.62 3.15
CA VAL A 216 -8.63 -2.34 2.01
C VAL A 216 -10.14 -2.07 1.93
N GLY A 217 -10.80 -2.05 3.08
CA GLY A 217 -12.22 -1.68 3.10
C GLY A 217 -12.46 -0.31 2.50
N CYS A 218 -11.62 0.66 2.83
CA CYS A 218 -11.75 1.99 2.29
C CYS A 218 -11.57 1.98 0.78
N ILE A 219 -10.64 1.16 0.32
CA ILE A 219 -10.36 1.04 -1.11
C ILE A 219 -11.55 0.36 -1.83
N LEU A 220 -12.11 -0.67 -1.23
CA LEU A 220 -13.29 -1.34 -1.78
C LEU A 220 -14.44 -0.34 -1.93
N ALA A 221 -14.70 0.41 -0.87
CA ALA A 221 -15.79 1.40 -0.88
C ALA A 221 -15.58 2.38 -2.04
N GLU A 222 -14.35 2.82 -2.20
CA GLU A 222 -14.04 3.78 -3.25
C GLU A 222 -14.13 3.18 -4.66
N MET A 223 -13.85 1.89 -4.81
CA MET A 223 -14.10 1.22 -6.09
C MET A 223 -15.61 1.13 -6.39
N LEU A 224 -16.42 0.99 -5.35
CA LEU A 224 -17.87 0.90 -5.53
C LEU A 224 -18.46 2.24 -5.96
N SER A 225 -17.91 3.34 -5.48
CA SER A 225 -18.58 4.64 -5.66
C SER A 225 -17.76 5.70 -6.39
N ASN A 226 -16.46 5.49 -6.52
CA ASN A 226 -15.53 6.47 -7.09
C ASN A 226 -15.39 7.74 -6.26
N ARG A 227 -15.75 7.66 -4.97
CA ARG A 227 -15.48 8.73 -4.01
C ARG A 227 -14.81 8.11 -2.80
N PRO A 228 -13.91 8.86 -2.15
CA PRO A 228 -13.35 8.38 -0.90
C PRO A 228 -14.45 8.28 0.14
N ILE A 229 -14.44 7.21 0.95
CA ILE A 229 -15.53 6.99 1.90
C ILE A 229 -15.39 7.89 3.14
N PHE A 230 -14.16 8.08 3.59
CA PHE A 230 -13.89 8.83 4.80
C PHE A 230 -12.86 9.95 4.55
N PRO A 231 -13.17 10.90 3.69
CA PRO A 231 -12.24 12.00 3.55
C PRO A 231 -12.27 12.91 4.79
N GLY A 232 -11.43 13.93 4.80
CA GLY A 232 -11.44 14.92 5.85
C GLY A 232 -10.20 15.75 5.82
N LYS A 233 -10.24 16.91 6.44
CA LYS A 233 -9.12 17.88 6.40
C LYS A 233 -8.01 17.50 7.39
N HIS A 234 -8.37 16.67 8.34
CA HIS A 234 -7.47 16.26 9.41
C HIS A 234 -8.17 15.18 10.17
N TYR A 235 -7.50 14.65 11.19
CA TYR A 235 -7.99 13.46 11.86
C TYR A 235 -9.35 13.64 12.54
N LEU A 236 -9.64 14.83 13.06
CA LEU A 236 -10.93 15.01 13.71
C LEU A 236 -12.03 15.03 12.67
N ASP A 237 -11.77 15.67 11.53
CA ASP A 237 -12.77 15.74 10.46
C ASP A 237 -13.01 14.34 9.93
N GLN A 238 -11.91 13.60 9.72
CA GLN A 238 -12.01 12.22 9.24
C GLN A 238 -12.81 11.34 10.20
N LEU A 239 -12.52 11.46 11.48
CA LEU A 239 -13.29 10.69 12.47
C LEU A 239 -14.78 11.05 12.45
N ASN A 240 -15.11 12.31 12.22
CA ASN A 240 -16.52 12.67 12.09
C ASN A 240 -17.16 11.99 10.87
N HIS A 241 -16.40 11.88 9.79
CA HIS A 241 -16.89 11.17 8.60
C HIS A 241 -17.13 9.69 8.90
N ILE A 242 -16.21 9.08 9.62
CA ILE A 242 -16.35 7.67 10.02
C ILE A 242 -17.58 7.48 10.91
N LEU A 243 -17.71 8.29 11.95
CA LEU A 243 -18.86 8.21 12.86
C LEU A 243 -20.17 8.44 12.15
N GLY A 244 -20.14 9.28 11.13
CA GLY A 244 -21.34 9.63 10.38
C GLY A 244 -21.87 8.51 9.50
N ILE A 245 -21.03 7.53 9.22
CA ILE A 245 -21.42 6.37 8.44
C ILE A 245 -21.59 5.13 9.34
N LEU A 246 -20.58 4.83 10.16
CA LEU A 246 -20.65 3.63 10.99
C LEU A 246 -21.55 3.78 12.21
N GLY A 247 -21.85 5.03 12.56
CA GLY A 247 -22.56 5.33 13.78
C GLY A 247 -21.60 5.47 14.94
N SER A 248 -22.12 5.94 16.08
CA SER A 248 -21.33 6.12 17.28
C SER A 248 -20.74 4.82 17.79
N PRO A 249 -19.43 4.82 18.08
CA PRO A 249 -18.83 3.63 18.66
C PRO A 249 -19.33 3.40 20.07
N SER A 250 -19.42 2.14 20.46
CA SER A 250 -19.64 1.81 21.86
C SER A 250 -18.42 2.15 22.67
N GLN A 251 -18.58 2.18 23.99
CA GLN A 251 -17.44 2.41 24.86
C GLN A 251 -16.37 1.35 24.67
N GLU A 252 -16.78 0.10 24.48
CA GLU A 252 -15.81 -0.97 24.27
C GLU A 252 -15.09 -0.81 22.93
N ASP A 253 -15.79 -0.29 21.92
CA ASP A 253 -15.17 0.00 20.64
C ASP A 253 -14.07 1.04 20.82
N LEU A 254 -14.33 1.98 21.73
CA LEU A 254 -13.48 3.16 21.93
C LEU A 254 -12.43 2.94 23.00
N ASN A 255 -12.55 1.81 23.71
CA ASN A 255 -11.55 1.45 24.70
C ASN A 255 -10.22 1.09 24.03
N CYS A 256 -10.24 0.92 22.71
CA CYS A 256 -9.00 0.68 21.96
C CYS A 256 -8.19 1.99 21.79
N ILE A 257 -8.85 3.12 22.03
CA ILE A 257 -8.17 4.43 22.01
C ILE A 257 -7.49 4.69 23.37
N ILE A 258 -6.19 4.93 23.33
CA ILE A 258 -5.37 5.01 24.53
C ILE A 258 -5.48 6.33 25.29
N ASN A 259 -5.37 7.44 24.58
CA ASN A 259 -5.44 8.76 25.19
C ASN A 259 -6.85 9.00 25.73
N LEU A 260 -6.97 9.16 27.05
CA LEU A 260 -8.27 9.23 27.69
C LEU A 260 -9.03 10.49 27.28
N LYS A 261 -8.34 11.59 27.06
CA LYS A 261 -9.03 12.80 26.64
C LYS A 261 -9.54 12.69 25.21
N ALA A 262 -8.81 11.98 24.36
CA ALA A 262 -9.29 11.71 23.02
C ALA A 262 -10.53 10.80 23.06
N ARG A 263 -10.46 9.76 23.89
CA ARG A 263 -11.57 8.85 24.07
C ARG A 263 -12.81 9.58 24.59
N ASN A 264 -12.62 10.40 25.63
CA ASN A 264 -13.73 11.17 26.19
C ASN A 264 -14.30 12.17 25.18
N TYR A 265 -13.43 12.77 24.37
CA TYR A 265 -13.90 13.65 23.32
C TYR A 265 -14.83 12.88 22.36
N LEU A 266 -14.39 11.71 21.91
CA LEU A 266 -15.19 10.92 20.97
C LEU A 266 -16.52 10.53 21.62
N LEU A 267 -16.46 10.12 22.88
CA LEU A 267 -17.65 9.62 23.56
C LEU A 267 -18.67 10.74 23.78
N SER A 268 -18.21 11.98 23.80
CA SER A 268 -19.10 13.13 24.05
C SER A 268 -19.78 13.70 22.81
N LEU A 269 -19.37 13.23 21.62
CA LEU A 269 -19.93 13.72 20.36
C LEU A 269 -21.38 13.32 20.21
N PRO A 270 -22.15 14.10 19.44
CA PRO A 270 -23.58 13.80 19.27
C PRO A 270 -23.78 12.40 18.69
N HIS A 271 -24.82 11.70 19.16
CA HIS A 271 -25.04 10.35 18.71
C HIS A 271 -25.33 10.29 17.22
N LYS A 272 -24.73 9.31 16.55
CA LYS A 272 -24.97 9.03 15.14
C LYS A 272 -25.46 7.61 14.94
N ASN A 273 -26.49 7.44 14.11
CA ASN A 273 -26.93 6.10 13.74
C ASN A 273 -26.08 5.57 12.60
N LYS A 274 -25.96 4.24 12.52
CA LYS A 274 -25.31 3.60 11.40
C LYS A 274 -26.13 3.85 10.14
N VAL A 275 -25.44 4.16 9.04
CA VAL A 275 -26.06 4.21 7.73
C VAL A 275 -25.94 2.85 7.05
N PRO A 276 -27.06 2.23 6.68
CA PRO A 276 -26.95 0.92 6.04
C PRO A 276 -26.15 1.02 4.76
N TRP A 277 -25.30 0.04 4.51
CA TRP A 277 -24.45 0.09 3.34
C TRP A 277 -25.22 0.21 2.02
N ASN A 278 -26.38 -0.42 1.91
CA ASN A 278 -27.08 -0.39 0.64
C ASN A 278 -27.76 0.95 0.40
N ARG A 279 -27.81 1.83 1.41
CA ARG A 279 -28.27 3.19 1.19
C ARG A 279 -27.13 4.07 0.67
N LEU A 280 -25.93 3.81 1.12
CA LEU A 280 -24.75 4.51 0.60
C LEU A 280 -24.35 4.02 -0.77
N PHE A 281 -24.55 2.72 -1.02
CA PHE A 281 -24.14 2.10 -2.27
C PHE A 281 -25.31 1.30 -2.83
N PRO A 282 -26.34 1.99 -3.34
CA PRO A 282 -27.53 1.28 -3.79
C PRO A 282 -27.36 0.38 -5.02
N ASN A 283 -26.27 0.54 -5.76
CA ASN A 283 -26.07 -0.25 -6.96
C ASN A 283 -25.03 -1.33 -6.76
N ALA A 284 -24.43 -1.38 -5.59
CA ALA A 284 -23.36 -2.34 -5.33
C ALA A 284 -23.87 -3.75 -5.10
N ASP A 285 -23.09 -4.74 -5.54
CA ASP A 285 -23.30 -6.15 -5.22
C ASP A 285 -23.46 -6.35 -3.71
N SER A 286 -24.52 -7.05 -3.32
CA SER A 286 -24.84 -7.24 -1.91
CA SER A 286 -24.82 -7.23 -1.91
C SER A 286 -23.75 -8.03 -1.20
N LYS A 287 -23.13 -8.97 -1.91
CA LYS A 287 -22.04 -9.74 -1.32
C LYS A 287 -20.82 -8.84 -1.07
N ALA A 288 -20.53 -7.94 -2.02
CA ALA A 288 -19.47 -6.98 -1.81
C ALA A 288 -19.74 -6.14 -0.55
N LEU A 289 -20.99 -5.71 -0.36
CA LEU A 289 -21.31 -4.88 0.81
C LEU A 289 -21.20 -5.66 2.09
N ASP A 290 -21.56 -6.94 2.05
CA ASP A 290 -21.42 -7.79 3.23
C ASP A 290 -19.97 -7.87 3.70
N LEU A 291 -19.06 -8.06 2.76
CA LEU A 291 -17.65 -8.11 3.08
C LEU A 291 -17.16 -6.73 3.54
N LEU A 292 -17.57 -5.68 2.85
CA LEU A 292 -17.23 -4.32 3.26
C LEU A 292 -17.58 -4.07 4.73
N ASP A 293 -18.80 -4.46 5.10
CA ASP A 293 -19.32 -4.30 6.43
C ASP A 293 -18.42 -4.97 7.46
N LYS A 294 -17.81 -6.08 7.07
CA LYS A 294 -17.01 -6.89 7.97
C LYS A 294 -15.55 -6.38 8.05
N MET A 295 -15.14 -5.57 7.07
CA MET A 295 -13.83 -4.92 7.08
CA MET A 295 -13.82 -4.93 7.10
C MET A 295 -13.84 -3.60 7.83
N LEU A 296 -14.87 -2.80 7.58
CA LEU A 296 -14.95 -1.47 8.19
C LEU A 296 -15.70 -1.47 9.53
N THR A 297 -15.08 -2.07 10.55
CA THR A 297 -15.57 -1.97 11.92
C THR A 297 -14.63 -1.09 12.74
N PHE A 298 -15.18 -0.26 13.60
CA PHE A 298 -14.37 0.67 14.38
C PHE A 298 -13.42 -0.13 15.28
N ASN A 299 -13.96 -1.18 15.90
CA ASN A 299 -13.16 -1.99 16.80
C ASN A 299 -12.21 -2.84 15.97
N PRO A 300 -10.89 -2.65 16.15
CA PRO A 300 -9.95 -3.40 15.31
C PRO A 300 -10.04 -4.91 15.48
N HIS A 301 -10.38 -5.36 16.69
CA HIS A 301 -10.41 -6.79 16.99
CA HIS A 301 -10.41 -6.81 16.98
C HIS A 301 -11.57 -7.49 16.26
N LYS A 302 -12.58 -6.72 15.87
CA LYS A 302 -13.78 -7.28 15.26
C LYS A 302 -13.72 -7.30 13.72
N ARG A 303 -12.66 -6.77 13.12
CA ARG A 303 -12.54 -6.77 11.67
C ARG A 303 -12.19 -8.15 11.19
N ILE A 304 -12.74 -8.52 10.05
CA ILE A 304 -12.36 -9.78 9.42
C ILE A 304 -10.86 -9.78 9.14
N GLU A 305 -10.22 -10.94 9.28
CA GLU A 305 -8.80 -10.97 8.91
C GLU A 305 -8.65 -11.55 7.49
N VAL A 306 -7.45 -11.47 6.95
CA VAL A 306 -7.26 -11.68 5.53
C VAL A 306 -7.64 -13.08 5.03
N GLU A 307 -7.36 -14.13 5.80
CA GLU A 307 -7.68 -15.49 5.35
C GLU A 307 -9.18 -15.70 5.26
N GLN A 308 -9.92 -15.27 6.26
CA GLN A 308 -11.37 -15.46 6.22
C GLN A 308 -11.98 -14.57 5.16
N ALA A 309 -11.37 -13.42 4.89
CA ALA A 309 -11.85 -12.49 3.87
C ALA A 309 -11.73 -13.12 2.48
N LEU A 310 -10.62 -13.82 2.21
CA LEU A 310 -10.42 -14.50 0.94
C LEU A 310 -11.48 -15.57 0.72
N ALA A 311 -12.00 -16.12 1.83
CA ALA A 311 -13.05 -17.14 1.79
C ALA A 311 -14.48 -16.59 1.79
N HIS A 312 -14.63 -15.28 1.69
CA HIS A 312 -15.93 -14.67 1.63
C HIS A 312 -16.61 -14.99 0.31
N PRO A 313 -17.93 -15.18 0.33
CA PRO A 313 -18.62 -15.49 -0.92
C PRO A 313 -18.42 -14.51 -2.09
N TYR A 314 -18.18 -13.23 -1.82
CA TYR A 314 -17.98 -12.28 -2.91
C TYR A 314 -16.84 -12.73 -3.83
N LEU A 315 -15.83 -13.37 -3.24
CA LEU A 315 -14.60 -13.75 -3.93
C LEU A 315 -14.55 -15.22 -4.35
N GLU A 316 -15.68 -15.90 -4.26
CA GLU A 316 -15.73 -17.34 -4.48
CA GLU A 316 -15.72 -17.34 -4.48
C GLU A 316 -15.14 -17.83 -5.82
N GLN A 317 -15.27 -17.06 -6.89
CA GLN A 317 -14.76 -17.49 -8.19
CA GLN A 317 -14.79 -17.58 -8.16
C GLN A 317 -13.25 -17.64 -8.19
N TYR A 318 -12.61 -16.88 -7.30
CA TYR A 318 -11.15 -16.78 -7.28
C TYR A 318 -10.54 -17.51 -6.10
N TYR A 319 -11.35 -17.98 -5.18
CA TYR A 319 -10.86 -18.69 -4.00
C TYR A 319 -10.13 -19.98 -4.36
N ASP A 320 -8.87 -20.07 -3.94
CA ASP A 320 -8.12 -21.30 -4.06
C ASP A 320 -6.94 -21.26 -3.09
N PRO A 321 -7.10 -21.86 -1.91
CA PRO A 321 -6.01 -21.86 -0.92
C PRO A 321 -4.77 -22.65 -1.34
N SER A 322 -4.84 -23.41 -2.43
CA SER A 322 -3.65 -24.07 -2.95
C SER A 322 -2.76 -23.17 -3.79
N ASP A 323 -3.24 -21.97 -4.12
CA ASP A 323 -2.47 -21.06 -4.95
C ASP A 323 -2.49 -19.63 -4.38
N GLU A 324 -2.32 -19.54 -3.07
CA GLU A 324 -2.19 -18.27 -2.39
C GLU A 324 -0.98 -18.37 -1.48
N PRO A 325 0.21 -18.18 -2.06
CA PRO A 325 1.49 -18.40 -1.40
C PRO A 325 1.68 -17.49 -0.18
N ILE A 326 2.45 -18.01 0.78
CA ILE A 326 2.82 -17.26 1.96
C ILE A 326 4.33 -17.19 2.03
N ALA A 327 4.82 -16.33 2.90
CA ALA A 327 6.24 -16.15 3.07
C ALA A 327 6.86 -17.35 3.76
N GLU A 328 8.14 -17.56 3.53
CA GLU A 328 8.85 -18.71 4.11
C GLU A 328 9.15 -18.51 5.57
N ALA A 329 9.19 -17.26 6.01
CA ALA A 329 9.54 -16.93 7.37
C ALA A 329 9.11 -15.52 7.69
N PRO A 330 8.94 -15.20 8.97
CA PRO A 330 8.69 -13.80 9.29
C PRO A 330 9.84 -12.91 8.82
N PHE A 331 9.50 -11.70 8.40
CA PHE A 331 10.51 -10.72 8.08
C PHE A 331 11.12 -10.18 9.38
N LYS A 332 12.43 -9.91 9.35
CA LYS A 332 13.15 -9.38 10.49
C LYS A 332 14.09 -8.27 10.06
N PHE A 333 14.03 -7.12 10.73
CA PHE A 333 15.13 -6.16 10.64
C PHE A 333 16.19 -6.57 11.66
N ASP A 334 17.45 -6.42 11.29
CA ASP A 334 18.56 -6.75 12.17
C ASP A 334 18.40 -6.01 13.50
N MET A 335 18.08 -4.72 13.40
CA MET A 335 17.92 -3.87 14.57
C MET A 335 16.76 -2.90 14.40
N GLU A 336 16.28 -2.36 15.51
CA GLU A 336 15.21 -1.36 15.48
C GLU A 336 15.69 -0.10 14.78
N LEU A 337 15.05 0.26 13.67
CA LEU A 337 15.49 1.41 12.88
C LEU A 337 15.13 2.75 13.49
N ASP A 338 14.11 2.76 14.36
CA ASP A 338 13.54 4.00 14.83
C ASP A 338 14.53 4.93 15.47
N ASP A 339 15.48 4.38 16.21
CA ASP A 339 16.38 5.22 16.99
C ASP A 339 17.76 5.34 16.36
N LEU A 340 17.91 4.84 15.14
CA LEU A 340 19.19 4.95 14.46
C LEU A 340 19.33 6.32 13.79
N PRO A 341 20.51 6.94 13.94
CA PRO A 341 20.81 8.20 13.27
C PRO A 341 20.79 8.02 11.76
N LYS A 342 20.49 9.10 11.03
CA LYS A 342 20.44 9.01 9.59
C LYS A 342 21.76 8.52 8.99
N GLU A 343 22.88 8.77 9.67
CA GLU A 343 24.17 8.34 9.14
C GLU A 343 24.28 6.81 9.17
N LYS A 344 23.74 6.19 10.20
CA LYS A 344 23.78 4.74 10.33
C LYS A 344 22.83 4.12 9.32
N LEU A 345 21.65 4.72 9.18
CA LEU A 345 20.71 4.26 8.15
C LEU A 345 21.31 4.34 6.75
N LYS A 346 22.07 5.39 6.47
CA LYS A 346 22.73 5.54 5.17
C LYS A 346 23.71 4.38 4.94
N GLU A 347 24.46 4.02 5.96
CA GLU A 347 25.35 2.87 5.86
C GLU A 347 24.59 1.59 5.53
N LEU A 348 23.46 1.39 6.19
CA LEU A 348 22.68 0.18 5.99
C LEU A 348 22.11 0.17 4.58
N ILE A 349 21.70 1.33 4.08
CA ILE A 349 21.21 1.42 2.71
C ILE A 349 22.33 1.11 1.71
N PHE A 350 23.52 1.64 1.97
CA PHE A 350 24.68 1.37 1.13
C PHE A 350 24.97 -0.14 1.09
N GLU A 351 24.94 -0.77 2.25
CA GLU A 351 25.17 -2.21 2.32
C GLU A 351 24.12 -3.03 1.57
N GLU A 352 22.85 -2.67 1.74
CA GLU A 352 21.75 -3.43 1.15
C GLU A 352 21.77 -3.33 -0.37
N THR A 353 22.30 -2.22 -0.87
CA THR A 353 22.31 -1.99 -2.31
C THR A 353 23.61 -2.42 -2.98
N ALA A 354 24.58 -2.91 -2.21
CA ALA A 354 25.90 -3.23 -2.76
C ALA A 354 25.86 -4.32 -3.84
N ARG A 355 24.93 -5.27 -3.66
CA ARG A 355 24.86 -6.42 -4.56
CA ARG A 355 24.59 -6.40 -4.53
C ARG A 355 24.52 -6.02 -6.01
N PHE A 356 24.04 -4.79 -6.22
CA PHE A 356 23.68 -4.35 -7.56
C PHE A 356 24.74 -3.51 -8.23
N GLN A 357 25.83 -3.24 -7.54
CA GLN A 357 26.90 -2.46 -8.16
C GLN A 357 27.54 -3.21 -9.33
N PRO A 358 27.83 -2.48 -10.43
CA PRO A 358 28.46 -3.08 -11.61
C PRO A 358 29.70 -3.85 -11.19
N GLY A 359 29.79 -5.15 -11.53
CA GLY A 359 30.98 -5.93 -11.25
C GLY A 359 31.07 -6.49 -9.84
N TYR A 360 29.96 -6.46 -9.12
CA TYR A 360 29.91 -7.02 -7.78
C TYR A 360 30.18 -8.52 -7.85
N MET B 1 -6.87 4.35 -19.70
CA MET B 1 -6.58 2.95 -19.96
C MET B 1 -7.87 2.16 -20.13
N LYS B 2 -7.90 1.31 -21.15
CA LYS B 2 -9.03 0.40 -21.35
C LYS B 2 -8.69 -0.98 -20.79
N LEU B 3 -9.37 -1.37 -19.72
CA LEU B 3 -9.13 -2.68 -19.13
C LEU B 3 -9.72 -3.79 -19.98
N SER B 4 -8.96 -4.86 -20.13
CA SER B 4 -9.47 -6.09 -20.70
C SER B 4 -10.36 -6.75 -19.66
N PRO B 5 -11.18 -7.71 -20.09
CA PRO B 5 -11.97 -8.44 -19.10
C PRO B 5 -11.05 -9.19 -18.15
N PRO B 6 -11.45 -9.30 -16.88
CA PRO B 6 -10.57 -10.01 -15.94
C PRO B 6 -10.28 -11.45 -16.38
N SER B 7 -11.17 -12.06 -17.14
CA SER B 7 -11.02 -13.46 -17.52
C SER B 7 -9.81 -13.69 -18.43
N LYS B 8 -9.26 -12.62 -18.97
CA LYS B 8 -8.08 -12.70 -19.84
C LYS B 8 -6.77 -12.65 -19.03
N SER B 9 -6.88 -12.30 -17.75
CA SER B 9 -5.71 -12.18 -16.90
C SER B 9 -5.17 -13.58 -16.55
N ARG B 10 -3.86 -13.72 -16.41
CA ARG B 10 -3.25 -15.05 -16.19
C ARG B 10 -3.73 -15.73 -14.91
N LEU B 11 -3.77 -14.98 -13.80
CA LEU B 11 -4.23 -15.54 -12.52
C LEU B 11 -5.70 -15.93 -12.59
N ALA B 12 -6.53 -15.07 -13.17
CA ALA B 12 -7.93 -15.44 -13.40
C ALA B 12 -8.05 -16.72 -14.23
N ARG B 13 -7.20 -16.86 -15.24
CA ARG B 13 -7.28 -18.02 -16.12
C ARG B 13 -6.92 -19.29 -15.36
N ARG B 14 -5.97 -19.19 -14.45
CA ARG B 14 -5.64 -20.34 -13.59
C ARG B 14 -6.84 -20.75 -12.75
N ARG B 15 -7.57 -19.77 -12.23
CA ARG B 15 -8.74 -20.04 -11.41
C ARG B 15 -9.90 -20.65 -12.18
N ALA B 16 -9.97 -20.36 -13.47
CA ALA B 16 -11.08 -20.83 -14.30
C ALA B 16 -10.96 -22.31 -14.64
N LEU B 17 -9.75 -22.86 -14.52
CA LEU B 17 -9.54 -24.27 -14.83
C LEU B 17 -10.18 -25.18 -13.80
#